data_9D33
#
_entry.id   9D33
#
_cell.length_a   103.821
_cell.length_b   103.821
_cell.length_c   96.334
_cell.angle_alpha   90.000
_cell.angle_beta   90.000
_cell.angle_gamma   120.000
#
_symmetry.space_group_name_H-M   'H 3'
#
loop_
_entity.id
_entity.type
_entity.pdbx_description
1 polymer "DNA (5'-D(*GP*AP*GP*CP*AP*GP*CP*CP*TP*GP*TP*(DQ)P*TP*GP*GP*AP*CP*AP*TP*CP*A)-3')"
2 polymer "DNA (5'-D(P*CP*CP*AP*(IMC)P*AP*CP*A*(AU))-3')"
3 polymer "DNA (5'-D(P*GP*GP*CP*TP*GP*CP*T)-3')"
4 polymer "DNA (5'-D(P*CP*TP*GP*AP*TP*GP*T)-3')"
5 non-polymer 'GOLD ION'
#
loop_
_entity_poly.entity_id
_entity_poly.type
_entity_poly.pdbx_seq_one_letter_code
_entity_poly.pdbx_strand_id
1 'polydeoxyribonucleotide'
;(DG)(DA)(DG)(DC)(DA)(DG)(DC)(DC)(DT)(DG)(DT)(S6G)(DT)(DG)(DG)(DA)(DC)(DA)(DT)
(DC)(DA)
;
A
2 'polydeoxyribonucleotide' (DC)(DC)(DA)(IMC)(DA)(DC)(DA) B
3 'polydeoxyribonucleotide' (DG)(DG)(DC)(DT)(DG)(DC)(DT) C
4 'polydeoxyribonucleotide' (DC)(DT)(DG)(DA)(DT)(DG)(DT) D
#